data_4NSX
#
_entry.id   4NSX
#
_cell.length_a   35.493
_cell.length_b   63.540
_cell.length_c   82.549
_cell.angle_alpha   110.95
_cell.angle_beta   95.83
_cell.angle_gamma   97.93
#
_symmetry.space_group_name_H-M   'P 1'
#
loop_
_entity.id
_entity.type
_entity.pdbx_description
1 polymer 'U3 small nucleolar RNA-associated protein 21'
2 non-polymer 'CITRATE ANION'
3 water water
#
_entity_poly.entity_id   1
_entity_poly.type   'polypeptide(L)'
_entity_poly.pdbx_seq_one_letter_code
;MSIDLKKRKVEEDVRSRGKNSKIFSPFRIIGNVSNGVPFATGTLGSTFYIVTCVGKTFQIYDANTLHLLFVSEKETPSSI
VALSAHFHYVYAAYENKVGIYKRGIEEHLLELETDANVEHLCIFGDYLCASTDDNSIFIYKKSDPQDKYPSEFYTKLTVT
EIQGGEIVSLQHLATYLNKLTVVTKSNVLLFNVRTGKLVFTSNEFPDQITTAEPAPVLDIIALGTVTGEVIMFNMRKGKR
IRTIKIPQSRISSLSFRTDGSSHLSVGTSSGDLIFYDLDRRSRIHVLKNIHRESYGGVTQATFLNGQPIIVTSGGDNSLK
EYVFDPSLSQGSGDVVVQPPRYLRSRGGHSQPPSYIAFADSQSHFMLSASKDRSLWSFSLRKDAQSQEMSQRLHKKQDGG
RVGGSTIKSKFPEIVALAIENARIGEWENIITAHKDEKFARTWDMRNKRVGRWTFDTTDDGFVKSVAMSQCGNFGFIGSS
NGSITIYNMQSGILRKKYKLHKRAVTGISLDGMNRKMVSCGLDGIVGFYDFNKSTLLGKLKLDAPITAMVYHRSSDLFAL
ALDDLSIVVIDAVTQRVVRQLWGHSNRITAFDFSPEGRWIVSASLDSTIRTWDLPTGGCIDGIIVDNVATNVKFSPNGDL
LATTHVTGNGICIWTNRAQFKTVSTRTIDESEFARMALPSTSVR
;
_entity_poly.pdbx_strand_id   A
#
# COMPACT_ATOMS: atom_id res chain seq x y z
N ASN A 20 -26.88 -2.31 1.33
CA ASN A 20 -27.65 -1.11 1.64
C ASN A 20 -27.74 -0.18 0.43
N SER A 21 -26.61 0.05 -0.22
CA SER A 21 -26.61 0.72 -1.51
C SER A 21 -27.31 -0.17 -2.52
N LYS A 22 -27.91 0.43 -3.54
CA LYS A 22 -28.66 -0.33 -4.53
C LYS A 22 -27.79 -0.69 -5.72
N ILE A 23 -26.64 -0.02 -5.84
CA ILE A 23 -25.80 -0.20 -7.02
C ILE A 23 -24.47 -0.89 -6.71
N PHE A 24 -23.77 -0.41 -5.68
CA PHE A 24 -22.43 -0.90 -5.41
C PHE A 24 -22.33 -1.74 -4.13
N SER A 25 -21.64 -2.87 -4.24
CA SER A 25 -21.36 -3.69 -3.07
C SER A 25 -19.86 -3.96 -2.99
N PRO A 26 -19.26 -3.77 -1.80
CA PRO A 26 -17.82 -3.93 -1.60
C PRO A 26 -17.28 -5.27 -2.11
N PHE A 27 -16.16 -5.24 -2.83
CA PHE A 27 -15.53 -6.46 -3.32
C PHE A 27 -14.22 -6.71 -2.59
N ARG A 28 -13.18 -5.95 -2.93
CA ARG A 28 -11.86 -6.18 -2.37
C ARG A 28 -10.98 -4.94 -2.47
N ILE A 29 -9.78 -5.02 -1.89
CA ILE A 29 -8.83 -3.91 -1.95
C ILE A 29 -7.54 -4.35 -2.63
N ILE A 30 -7.01 -3.48 -3.49
CA ILE A 30 -5.83 -3.81 -4.28
C ILE A 30 -4.64 -2.96 -3.81
N GLY A 31 -3.43 -3.53 -3.91
CA GLY A 31 -2.23 -2.76 -3.64
C GLY A 31 -1.69 -2.79 -2.21
N ASN A 32 -2.19 -3.71 -1.40
CA ASN A 32 -1.71 -3.86 -0.01
C ASN A 32 -0.69 -4.98 0.14
N VAL A 33 0.46 -4.67 0.73
CA VAL A 33 1.50 -5.68 0.93
C VAL A 33 1.93 -5.84 2.39
N SER A 34 2.25 -4.73 3.04
CA SER A 34 2.76 -4.76 4.41
C SER A 34 2.48 -3.45 5.15
N ASN A 35 2.35 -3.51 6.48
CA ASN A 35 1.99 -2.32 7.24
C ASN A 35 2.97 -1.93 8.34
N GLY A 36 4.04 -2.70 8.50
CA GLY A 36 5.03 -2.38 9.51
C GLY A 36 5.18 -3.39 10.62
N VAL A 37 4.14 -4.20 10.84
CA VAL A 37 4.25 -5.31 11.79
C VAL A 37 5.33 -6.24 11.28
N PRO A 38 6.31 -6.57 12.13
CA PRO A 38 7.41 -7.46 11.73
C PRO A 38 6.88 -8.77 11.14
N PHE A 39 7.29 -9.08 9.91
CA PHE A 39 6.79 -10.24 9.22
C PHE A 39 7.31 -11.54 9.84
N ALA A 40 6.55 -12.61 9.68
CA ALA A 40 6.97 -13.91 10.20
C ALA A 40 7.48 -14.77 9.06
N THR A 41 8.26 -15.79 9.40
CA THR A 41 8.70 -16.77 8.43
C THR A 41 8.38 -18.17 8.91
N GLY A 42 7.92 -19.03 8.00
CA GLY A 42 7.58 -20.40 8.33
C GLY A 42 8.07 -21.37 7.28
N THR A 43 7.84 -22.66 7.50
CA THR A 43 8.30 -23.70 6.60
C THR A 43 7.23 -24.10 5.58
N LEU A 44 7.66 -24.30 4.34
CA LEU A 44 6.76 -24.64 3.25
C LEU A 44 7.35 -25.81 2.48
N GLY A 45 7.09 -27.03 2.96
CA GLY A 45 7.69 -28.21 2.37
C GLY A 45 9.20 -28.08 2.45
N SER A 46 9.81 -27.75 1.32
CA SER A 46 11.26 -27.52 1.28
C SER A 46 11.60 -26.03 1.34
N THR A 47 10.70 -25.20 0.82
CA THR A 47 10.91 -23.75 0.83
C THR A 47 10.33 -23.10 2.09
N PHE A 48 10.32 -21.77 2.10
CA PHE A 48 9.79 -21.02 3.24
C PHE A 48 8.64 -20.13 2.82
N TYR A 49 7.84 -19.69 3.78
CA TYR A 49 6.81 -18.69 3.51
C TYR A 49 6.96 -17.48 4.41
N ILE A 50 6.47 -16.34 3.93
CA ILE A 50 6.56 -15.07 4.64
C ILE A 50 5.17 -14.57 4.93
N VAL A 51 4.90 -14.23 6.18
CA VAL A 51 3.60 -13.72 6.59
C VAL A 51 3.69 -12.23 6.93
N THR A 52 3.02 -11.40 6.14
CA THR A 52 2.96 -9.97 6.38
C THR A 52 1.60 -9.57 6.94
N CYS A 53 1.53 -8.38 7.51
CA CYS A 53 0.26 -7.85 8.00
C CYS A 53 -0.22 -6.72 7.10
N VAL A 54 -1.54 -6.65 6.91
CA VAL A 54 -2.15 -5.66 6.03
C VAL A 54 -3.06 -4.73 6.84
N GLY A 55 -3.40 -5.17 8.05
CA GLY A 55 -4.22 -4.40 8.96
C GLY A 55 -4.95 -5.34 9.91
N LYS A 56 -6.06 -5.89 9.44
CA LYS A 56 -6.82 -6.87 10.22
C LYS A 56 -6.81 -8.18 9.44
N THR A 57 -5.79 -8.29 8.59
CA THR A 57 -5.64 -9.39 7.65
C THR A 57 -4.15 -9.66 7.49
N PHE A 58 -3.77 -10.93 7.38
CA PHE A 58 -2.39 -11.25 7.03
C PHE A 58 -2.29 -11.90 5.64
N GLN A 59 -1.14 -11.75 5.01
CA GLN A 59 -0.90 -12.34 3.69
C GLN A 59 0.33 -13.24 3.71
N ILE A 60 0.27 -14.34 2.97
CA ILE A 60 1.36 -15.31 2.94
C ILE A 60 1.95 -15.45 1.54
N TYR A 61 3.25 -15.16 1.45
CA TYR A 61 4.00 -15.20 0.19
C TYR A 61 5.01 -16.34 0.19
N ASP A 62 5.32 -16.84 -1.01
CA ASP A 62 6.43 -17.77 -1.18
C ASP A 62 7.71 -16.96 -1.03
N ALA A 63 8.71 -17.53 -0.37
CA ALA A 63 9.94 -16.78 -0.13
C ALA A 63 10.89 -16.82 -1.33
N ASN A 64 10.69 -17.78 -2.21
CA ASN A 64 11.61 -17.92 -3.34
C ASN A 64 11.09 -17.32 -4.65
N THR A 65 9.82 -16.92 -4.66
CA THR A 65 9.22 -16.30 -5.84
C THR A 65 8.47 -15.02 -5.48
N LEU A 66 8.13 -14.90 -4.21
CA LEU A 66 7.26 -13.84 -3.71
C LEU A 66 5.85 -13.90 -4.29
N HIS A 67 5.43 -15.09 -4.71
CA HIS A 67 4.07 -15.29 -5.17
C HIS A 67 3.11 -15.29 -3.98
N LEU A 68 1.99 -14.58 -4.12
CA LEU A 68 0.98 -14.55 -3.07
C LEU A 68 0.32 -15.91 -2.94
N LEU A 69 0.53 -16.56 -1.80
CA LEU A 69 -0.03 -17.88 -1.58
C LEU A 69 -1.37 -17.80 -0.87
N PHE A 70 -1.44 -17.03 0.21
CA PHE A 70 -2.70 -16.94 0.96
C PHE A 70 -3.02 -15.54 1.46
N VAL A 71 -4.28 -15.33 1.80
CA VAL A 71 -4.70 -14.18 2.59
C VAL A 71 -5.75 -14.68 3.57
N SER A 72 -5.67 -14.25 4.83
CA SER A 72 -6.62 -14.70 5.84
C SER A 72 -8.05 -14.41 5.39
N GLU A 73 -8.93 -15.40 5.52
CA GLU A 73 -10.26 -15.32 4.94
C GLU A 73 -11.21 -14.42 5.73
N LYS A 74 -10.90 -14.20 6.99
CA LYS A 74 -11.80 -13.45 7.86
C LYS A 74 -11.05 -12.42 8.71
N GLU A 75 -11.46 -11.16 8.59
CA GLU A 75 -10.85 -10.06 9.33
C GLU A 75 -10.97 -10.25 10.84
N THR A 76 -9.92 -9.87 11.55
CA THR A 76 -9.95 -9.84 13.01
C THR A 76 -10.69 -8.58 13.44
N PRO A 77 -11.30 -8.60 14.63
CA PRO A 77 -12.03 -7.42 15.13
C PRO A 77 -11.16 -6.18 15.29
N SER A 78 -9.89 -6.37 15.67
CA SER A 78 -8.95 -5.25 15.82
C SER A 78 -7.69 -5.50 15.00
N SER A 79 -6.84 -4.48 14.92
CA SER A 79 -5.60 -4.58 14.16
C SER A 79 -4.67 -5.63 14.73
N ILE A 80 -4.07 -6.44 13.86
CA ILE A 80 -3.10 -7.44 14.28
C ILE A 80 -1.82 -6.76 14.74
N VAL A 81 -1.32 -7.20 15.89
CA VAL A 81 -0.19 -6.55 16.56
C VAL A 81 1.08 -7.40 16.43
N ALA A 82 0.90 -8.71 16.42
CA ALA A 82 2.05 -9.60 16.36
C ALA A 82 1.77 -10.82 15.49
N LEU A 83 2.79 -11.26 14.75
CA LEU A 83 2.68 -12.44 13.90
C LEU A 83 3.81 -13.39 14.21
N SER A 84 3.49 -14.68 14.31
CA SER A 84 4.51 -15.70 14.42
C SER A 84 4.13 -16.87 13.53
N ALA A 85 5.11 -17.58 13.01
CA ALA A 85 4.83 -18.79 12.25
C ALA A 85 5.56 -19.96 12.86
N HIS A 86 4.89 -21.10 12.94
CA HIS A 86 5.48 -22.30 13.51
C HIS A 86 5.01 -23.48 12.67
N PHE A 87 5.95 -24.06 11.92
CA PHE A 87 5.62 -25.08 10.93
C PHE A 87 4.56 -24.55 9.95
N HIS A 88 3.40 -25.18 9.95
CA HIS A 88 2.34 -24.80 9.03
C HIS A 88 1.23 -23.96 9.68
N TYR A 89 1.52 -23.41 10.85
CA TYR A 89 0.52 -22.61 11.55
C TYR A 89 0.95 -21.16 11.73
N VAL A 90 0.01 -20.25 11.51
CA VAL A 90 0.23 -18.83 11.75
C VAL A 90 -0.49 -18.40 13.01
N TYR A 91 0.22 -17.68 13.88
CA TYR A 91 -0.32 -17.16 15.11
C TYR A 91 -0.40 -15.65 15.00
N ALA A 92 -1.61 -15.10 15.13
CA ALA A 92 -1.82 -13.67 15.00
C ALA A 92 -2.42 -13.09 16.27
N ALA A 93 -1.76 -12.10 16.86
CA ALA A 93 -2.21 -11.50 18.10
C ALA A 93 -2.98 -10.21 17.86
N TYR A 94 -4.09 -10.06 18.56
CA TYR A 94 -4.87 -8.84 18.55
C TYR A 94 -5.73 -8.80 19.81
N GLU A 95 -5.93 -7.60 20.36
CA GLU A 95 -6.64 -7.45 21.63
C GLU A 95 -6.02 -8.36 22.69
N ASN A 96 -6.86 -9.12 23.39
CA ASN A 96 -6.39 -10.07 24.37
C ASN A 96 -6.42 -11.49 23.80
N LYS A 97 -6.27 -11.60 22.49
CA LYS A 97 -6.48 -12.86 21.79
C LYS A 97 -5.32 -13.30 20.91
N VAL A 98 -5.21 -14.61 20.70
CA VAL A 98 -4.29 -15.16 19.73
C VAL A 98 -5.03 -16.12 18.83
N GLY A 99 -5.09 -15.78 17.54
CA GLY A 99 -5.70 -16.64 16.54
C GLY A 99 -4.69 -17.60 15.95
N ILE A 100 -5.11 -18.86 15.81
CA ILE A 100 -4.29 -19.91 15.22
C ILE A 100 -4.90 -20.35 13.89
N TYR A 101 -4.12 -20.14 12.83
CA TYR A 101 -4.59 -20.28 11.46
C TYR A 101 -3.77 -21.29 10.66
N LYS A 102 -4.43 -21.98 9.75
CA LYS A 102 -3.74 -22.77 8.74
C LYS A 102 -4.38 -22.49 7.38
N ARG A 103 -3.55 -22.14 6.41
CA ARG A 103 -4.02 -21.79 5.07
C ARG A 103 -4.95 -20.59 5.08
N GLY A 104 -4.68 -19.64 5.98
CA GLY A 104 -5.46 -18.43 6.09
C GLY A 104 -6.77 -18.65 6.82
N ILE A 105 -7.01 -19.89 7.26
CA ILE A 105 -8.24 -20.24 7.94
C ILE A 105 -8.01 -20.45 9.43
N GLU A 106 -8.78 -19.76 10.25
CA GLU A 106 -8.67 -19.88 11.69
C GLU A 106 -9.08 -21.27 12.17
N GLU A 107 -8.13 -21.98 12.76
CA GLU A 107 -8.43 -23.29 13.31
C GLU A 107 -8.75 -23.18 14.80
N HIS A 108 -8.20 -22.17 15.47
CA HIS A 108 -8.50 -22.03 16.90
C HIS A 108 -8.32 -20.61 17.41
N LEU A 109 -9.08 -20.24 18.45
CA LEU A 109 -8.93 -18.92 19.04
C LEU A 109 -8.66 -19.01 20.54
N LEU A 110 -7.55 -18.42 20.96
CA LEU A 110 -7.22 -18.33 22.39
C LEU A 110 -7.61 -16.97 22.92
N GLU A 111 -8.50 -16.93 23.90
CA GLU A 111 -8.81 -15.67 24.57
C GLU A 111 -8.18 -15.65 25.96
N LEU A 112 -7.12 -14.86 26.11
CA LEU A 112 -6.43 -14.75 27.38
C LEU A 112 -7.36 -14.13 28.42
N GLU A 113 -7.26 -14.60 29.66
CA GLU A 113 -8.08 -14.10 30.75
C GLU A 113 -7.50 -12.78 31.26
N THR A 114 -7.64 -11.72 30.48
CA THR A 114 -7.10 -10.42 30.85
C THR A 114 -7.68 -9.34 29.95
N ASP A 115 -7.66 -8.10 30.43
CA ASP A 115 -8.11 -6.96 29.63
C ASP A 115 -6.90 -6.26 29.02
N ALA A 116 -5.73 -6.86 29.20
CA ALA A 116 -4.50 -6.35 28.61
C ALA A 116 -4.38 -6.79 27.16
N ASN A 117 -3.51 -6.13 26.41
CA ASN A 117 -3.26 -6.51 25.02
C ASN A 117 -2.02 -7.38 24.87
N VAL A 118 -2.10 -8.38 24.00
CA VAL A 118 -0.94 -9.19 23.67
C VAL A 118 0.06 -8.34 22.90
N GLU A 119 1.34 -8.48 23.22
CA GLU A 119 2.38 -7.75 22.53
C GLU A 119 3.34 -8.69 21.80
N HIS A 120 3.70 -9.79 22.45
CA HIS A 120 4.70 -10.69 21.87
C HIS A 120 4.31 -12.17 21.97
N LEU A 121 4.85 -12.95 21.04
CA LEU A 121 4.54 -14.37 20.96
C LEU A 121 5.81 -15.19 20.84
N CYS A 122 5.80 -16.38 21.44
CA CYS A 122 6.87 -17.36 21.21
C CYS A 122 6.30 -18.76 21.26
N ILE A 123 6.45 -19.49 20.16
CA ILE A 123 5.96 -20.85 20.07
C ILE A 123 7.14 -21.80 19.96
N PHE A 124 7.21 -22.76 20.88
CA PHE A 124 8.28 -23.76 20.90
C PHE A 124 7.85 -24.98 21.69
N GLY A 125 8.36 -26.14 21.30
CA GLY A 125 8.05 -27.39 21.98
C GLY A 125 6.55 -27.60 22.07
N ASP A 126 6.06 -27.88 23.27
CA ASP A 126 4.63 -28.06 23.49
C ASP A 126 3.96 -26.76 23.92
N TYR A 127 4.67 -25.65 23.79
CA TYR A 127 4.21 -24.39 24.39
C TYR A 127 3.86 -23.26 23.44
N LEU A 128 2.91 -22.44 23.88
CA LEU A 128 2.64 -21.14 23.28
C LEU A 128 2.80 -20.11 24.38
N CYS A 129 3.69 -19.14 24.16
CA CYS A 129 3.89 -18.08 25.12
C CYS A 129 3.47 -16.74 24.54
N ALA A 130 2.55 -16.06 25.23
CA ALA A 130 2.08 -14.75 24.78
C ALA A 130 2.16 -13.73 25.90
N SER A 131 3.07 -12.76 25.76
CA SER A 131 3.19 -11.72 26.76
C SER A 131 2.21 -10.58 26.49
N THR A 132 1.81 -9.89 27.55
CA THR A 132 0.85 -8.80 27.45
C THR A 132 1.50 -7.49 27.87
N ASP A 133 0.77 -6.38 27.69
CA ASP A 133 1.32 -5.06 27.99
C ASP A 133 1.34 -4.71 29.49
N ASP A 134 0.96 -5.67 30.34
CA ASP A 134 1.14 -5.48 31.78
C ASP A 134 2.23 -6.41 32.32
N ASN A 135 3.12 -6.83 31.43
CA ASN A 135 4.25 -7.71 31.75
C ASN A 135 3.89 -9.11 32.22
N SER A 136 2.71 -9.58 31.83
CA SER A 136 2.33 -10.96 32.09
C SER A 136 2.64 -11.81 30.88
N ILE A 137 2.93 -13.08 31.11
CA ILE A 137 3.20 -14.02 30.03
C ILE A 137 2.29 -15.23 30.19
N PHE A 138 1.30 -15.34 29.31
CA PHE A 138 0.39 -16.47 29.33
C PHE A 138 0.99 -17.66 28.62
N ILE A 139 1.03 -18.79 29.31
CA ILE A 139 1.57 -20.02 28.79
C ILE A 139 0.46 -21.03 28.57
N TYR A 140 0.33 -21.44 27.30
CA TYR A 140 -0.56 -22.52 26.90
C TYR A 140 0.26 -23.74 26.52
N LYS A 141 -0.32 -24.92 26.69
CA LYS A 141 0.42 -26.17 26.51
C LYS A 141 -0.38 -27.16 25.69
N LYS A 142 0.32 -27.97 24.91
CA LYS A 142 -0.31 -29.12 24.25
C LYS A 142 -0.68 -30.15 25.31
N SER A 143 -1.90 -30.67 25.22
CA SER A 143 -2.29 -31.79 26.06
C SER A 143 -1.41 -32.99 25.72
N ASP A 144 -1.34 -33.30 24.43
CA ASP A 144 -0.45 -34.33 23.91
C ASP A 144 0.53 -33.70 22.93
N PRO A 145 1.81 -34.08 23.02
CA PRO A 145 2.89 -33.53 22.17
C PRO A 145 2.60 -33.59 20.68
N GLN A 146 1.73 -34.50 20.25
CA GLN A 146 1.41 -34.63 18.84
C GLN A 146 0.22 -33.78 18.42
N ASP A 147 -0.25 -32.92 19.31
CA ASP A 147 -1.27 -31.95 18.95
C ASP A 147 -0.71 -30.98 17.93
N LYS A 148 -1.57 -30.45 17.08
CA LYS A 148 -1.15 -29.51 16.03
C LYS A 148 -0.77 -28.15 16.61
N TYR A 149 -1.35 -27.80 17.75
CA TYR A 149 -1.08 -26.52 18.40
C TYR A 149 -1.49 -26.55 19.87
N PRO A 150 -0.83 -25.72 20.71
CA PRO A 150 -1.21 -25.58 22.12
C PRO A 150 -2.61 -24.99 22.26
N SER A 151 -3.39 -25.50 23.20
CA SER A 151 -4.76 -25.03 23.35
C SER A 151 -5.19 -24.92 24.82
N GLU A 152 -4.55 -25.67 25.70
CA GLU A 152 -4.90 -25.66 27.12
C GLU A 152 -4.08 -24.64 27.89
N PHE A 153 -4.75 -23.74 28.60
CA PHE A 153 -4.05 -22.80 29.46
C PHE A 153 -3.26 -23.58 30.51
N TYR A 154 -1.98 -23.23 30.65
CA TYR A 154 -1.12 -23.90 31.61
C TYR A 154 -0.77 -22.99 32.79
N THR A 155 -0.20 -21.82 32.50
CA THR A 155 0.14 -20.91 33.60
C THR A 155 0.26 -19.45 33.19
N LYS A 156 0.40 -18.57 34.16
CA LYS A 156 0.65 -17.16 33.88
C LYS A 156 1.86 -16.67 34.65
N LEU A 157 2.93 -16.38 33.92
CA LEU A 157 4.11 -15.80 34.53
C LEU A 157 3.92 -14.30 34.62
N THR A 158 4.64 -13.66 35.53
CA THR A 158 4.65 -12.21 35.57
C THR A 158 6.06 -11.71 35.83
N VAL A 159 6.47 -10.69 35.09
CA VAL A 159 7.74 -10.04 35.36
C VAL A 159 7.47 -8.77 36.13
N THR A 160 7.64 -8.84 37.45
CA THR A 160 7.47 -7.68 38.31
C THR A 160 8.59 -6.70 37.99
N GLU A 161 8.39 -5.42 38.33
CA GLU A 161 9.35 -4.40 37.96
C GLU A 161 10.69 -4.56 38.69
N ILE A 162 10.71 -5.33 39.77
CA ILE A 162 11.96 -5.61 40.46
C ILE A 162 12.71 -6.73 39.77
N GLN A 163 11.99 -7.64 39.14
CA GLN A 163 12.59 -8.77 38.43
C GLN A 163 13.20 -8.33 37.09
N GLY A 164 12.58 -7.34 36.46
CA GLY A 164 13.07 -6.82 35.20
C GLY A 164 12.23 -5.67 34.70
N GLY A 165 12.57 -5.14 33.54
CA GLY A 165 11.85 -4.02 32.96
C GLY A 165 10.71 -4.45 32.07
N GLU A 166 10.29 -3.56 31.18
CA GLU A 166 9.22 -3.83 30.23
C GLU A 166 9.66 -4.87 29.20
N ILE A 167 8.82 -5.88 28.97
CA ILE A 167 9.16 -6.97 28.06
C ILE A 167 9.31 -6.47 26.61
N VAL A 168 10.42 -6.84 25.99
CA VAL A 168 10.74 -6.43 24.64
C VAL A 168 10.56 -7.57 23.65
N SER A 169 10.92 -8.78 24.08
CA SER A 169 10.95 -9.92 23.18
C SER A 169 10.90 -11.26 23.93
N LEU A 170 10.28 -12.25 23.32
CA LEU A 170 10.25 -13.60 23.83
C LEU A 170 10.98 -14.49 22.84
N GLN A 171 11.96 -15.26 23.32
CA GLN A 171 12.75 -16.10 22.44
C GLN A 171 12.97 -17.47 23.06
N HIS A 172 13.14 -18.48 22.21
CA HIS A 172 13.55 -19.79 22.66
C HIS A 172 14.88 -20.15 22.03
N LEU A 173 15.89 -20.38 22.86
CA LEU A 173 17.21 -20.77 22.37
C LEU A 173 17.21 -22.27 22.09
N ALA A 174 17.98 -22.68 21.07
CA ALA A 174 18.14 -24.08 20.74
C ALA A 174 18.63 -24.90 21.94
N THR A 175 18.04 -26.08 22.11
CA THR A 175 18.34 -27.02 23.20
C THR A 175 17.89 -26.58 24.60
N TYR A 176 17.23 -25.42 24.70
CA TYR A 176 16.73 -24.96 25.99
C TYR A 176 15.34 -25.54 26.27
N LEU A 177 15.32 -26.81 26.65
CA LEU A 177 14.07 -27.53 26.90
C LEU A 177 13.25 -26.91 28.01
N ASN A 178 11.99 -26.59 27.70
CA ASN A 178 11.04 -26.01 28.64
C ASN A 178 11.44 -24.62 29.16
N LYS A 179 12.45 -24.02 28.55
CA LYS A 179 12.97 -22.75 29.05
C LYS A 179 12.79 -21.59 28.08
N LEU A 180 12.00 -20.61 28.51
CA LEU A 180 11.73 -19.41 27.73
C LEU A 180 12.64 -18.27 28.15
N THR A 181 13.27 -17.63 27.16
CA THR A 181 14.08 -16.45 27.40
C THR A 181 13.23 -15.20 27.25
N VAL A 182 13.16 -14.41 28.31
CA VAL A 182 12.37 -13.21 28.30
C VAL A 182 13.27 -11.99 28.40
N VAL A 183 13.47 -11.31 27.29
CA VAL A 183 14.33 -10.13 27.30
C VAL A 183 13.50 -8.88 27.54
N THR A 184 13.91 -8.10 28.54
CA THR A 184 13.24 -6.86 28.86
C THR A 184 14.15 -5.69 28.46
N LYS A 185 13.70 -4.47 28.73
CA LYS A 185 14.48 -3.28 28.37
C LYS A 185 15.78 -3.19 29.16
N SER A 186 15.76 -3.76 30.36
CA SER A 186 16.86 -3.59 31.30
C SER A 186 17.66 -4.87 31.59
N ASN A 187 17.06 -6.03 31.33
CA ASN A 187 17.77 -7.29 31.55
C ASN A 187 17.27 -8.46 30.71
N VAL A 188 17.78 -9.65 31.02
CA VAL A 188 17.37 -10.87 30.34
C VAL A 188 17.06 -11.95 31.36
N LEU A 189 15.85 -12.50 31.30
CA LEU A 189 15.42 -13.50 32.25
C LEU A 189 15.29 -14.86 31.57
N LEU A 190 15.37 -15.92 32.37
CA LEU A 190 15.17 -17.27 31.90
C LEU A 190 14.17 -17.95 32.82
N PHE A 191 13.00 -18.28 32.29
CA PHE A 191 11.95 -18.97 33.03
C PHE A 191 11.82 -20.41 32.57
N ASN A 192 11.64 -21.33 33.51
CA ASN A 192 11.23 -22.68 33.17
C ASN A 192 9.72 -22.72 33.15
N VAL A 193 9.14 -22.78 31.95
CA VAL A 193 7.69 -22.66 31.79
C VAL A 193 6.92 -23.89 32.27
N ARG A 194 7.62 -24.99 32.52
CA ARG A 194 6.97 -26.19 33.03
C ARG A 194 6.82 -26.11 34.55
N THR A 195 7.87 -25.66 35.22
CA THR A 195 7.87 -25.58 36.68
C THR A 195 7.47 -24.18 37.16
N GLY A 196 7.59 -23.19 36.28
CA GLY A 196 7.24 -21.82 36.61
C GLY A 196 8.41 -21.07 37.20
N LYS A 197 9.48 -21.80 37.48
CA LYS A 197 10.65 -21.22 38.15
C LYS A 197 11.42 -20.23 37.27
N LEU A 198 11.75 -19.09 37.85
CA LEU A 198 12.68 -18.15 37.24
C LEU A 198 14.08 -18.67 37.52
N VAL A 199 14.65 -19.40 36.55
CA VAL A 199 15.93 -20.05 36.76
C VAL A 199 17.10 -19.09 36.56
N PHE A 200 16.88 -18.00 35.85
CA PHE A 200 17.99 -17.05 35.66
C PHE A 200 17.55 -15.59 35.50
N THR A 201 18.37 -14.68 36.01
CA THR A 201 18.19 -13.27 35.76
C THR A 201 19.54 -12.59 35.65
N SER A 202 19.79 -11.96 34.50
CA SER A 202 21.09 -11.35 34.24
C SER A 202 21.29 -10.08 35.02
N ASN A 203 22.51 -9.57 35.00
CA ASN A 203 22.80 -8.26 35.57
C ASN A 203 22.07 -7.19 34.76
N GLU A 204 21.86 -6.04 35.37
CA GLU A 204 21.21 -4.92 34.71
C GLU A 204 21.98 -4.49 33.46
N PHE A 205 21.26 -4.22 32.38
CA PHE A 205 21.86 -3.64 31.19
C PHE A 205 21.70 -2.12 31.28
N PRO A 206 22.80 -1.38 31.07
CA PRO A 206 22.83 0.08 31.22
C PRO A 206 21.93 0.78 30.21
N ASP A 207 22.00 0.34 28.96
CA ASP A 207 21.25 0.96 27.89
C ASP A 207 20.08 0.09 27.48
N GLN A 208 18.99 0.75 27.06
CA GLN A 208 17.74 0.06 26.76
C GLN A 208 17.85 -0.96 25.61
N ILE A 209 17.42 -2.18 25.88
CA ILE A 209 17.39 -3.22 24.86
C ILE A 209 16.14 -3.07 24.00
N THR A 210 16.32 -3.07 22.69
CA THR A 210 15.23 -2.89 21.76
C THR A 210 14.96 -4.11 20.89
N THR A 211 15.97 -4.98 20.75
CA THR A 211 15.87 -6.13 19.86
C THR A 211 16.61 -7.34 20.42
N ALA A 212 16.13 -8.53 20.08
CA ALA A 212 16.80 -9.76 20.48
C ALA A 212 16.70 -10.83 19.40
N GLU A 213 17.72 -11.69 19.32
CA GLU A 213 17.78 -12.70 18.28
C GLU A 213 18.73 -13.84 18.65
N PRO A 214 18.20 -15.07 18.75
CA PRO A 214 19.00 -16.27 19.02
C PRO A 214 20.12 -16.41 17.99
N ALA A 215 21.33 -16.73 18.46
CA ALA A 215 22.47 -16.95 17.60
C ALA A 215 22.54 -18.42 17.17
N PRO A 216 23.22 -18.72 16.07
CA PRO A 216 23.26 -20.12 15.61
C PRO A 216 24.25 -21.00 16.37
N VAL A 217 24.72 -20.55 17.54
CA VAL A 217 25.56 -21.36 18.40
C VAL A 217 25.00 -21.43 19.81
N LEU A 218 25.41 -22.45 20.56
CA LEU A 218 24.91 -22.73 21.90
C LEU A 218 24.95 -21.55 22.87
N ASP A 219 23.86 -21.37 23.61
CA ASP A 219 23.80 -20.44 24.75
C ASP A 219 23.85 -18.95 24.42
N ILE A 220 23.93 -18.62 23.14
CA ILE A 220 24.14 -17.22 22.77
C ILE A 220 22.91 -16.54 22.17
N ILE A 221 22.58 -15.38 22.72
CA ILE A 221 21.51 -14.54 22.18
C ILE A 221 22.09 -13.16 21.86
N ALA A 222 21.72 -12.62 20.70
CA ALA A 222 22.17 -11.29 20.30
C ALA A 222 21.14 -10.25 20.74
N LEU A 223 21.62 -9.17 21.34
CA LEU A 223 20.75 -8.13 21.87
C LEU A 223 21.10 -6.78 21.27
N GLY A 224 20.13 -6.11 20.68
CA GLY A 224 20.34 -4.77 20.16
C GLY A 224 19.89 -3.72 21.16
N THR A 225 20.57 -2.59 21.20
CA THR A 225 20.24 -1.53 22.16
C THR A 225 19.82 -0.24 21.47
N VAL A 226 19.33 0.73 22.25
CA VAL A 226 18.93 2.03 21.73
C VAL A 226 20.14 2.77 21.18
N THR A 227 21.26 2.64 21.89
CA THR A 227 22.56 3.00 21.35
C THR A 227 22.94 1.87 20.40
N GLY A 228 23.67 2.19 19.33
CA GLY A 228 23.93 1.20 18.30
C GLY A 228 24.81 0.02 18.68
N GLU A 229 24.53 -0.62 19.81
CA GLU A 229 25.32 -1.77 20.24
C GLU A 229 24.61 -3.12 20.12
N VAL A 230 25.28 -4.05 19.45
CA VAL A 230 24.84 -5.44 19.41
C VAL A 230 25.70 -6.27 20.36
N ILE A 231 25.06 -6.80 21.39
CA ILE A 231 25.75 -7.56 22.43
C ILE A 231 25.48 -9.05 22.29
N MET A 232 26.54 -9.83 22.13
CA MET A 232 26.42 -11.28 22.16
C MET A 232 26.46 -11.73 23.60
N PHE A 233 25.35 -12.30 24.07
CA PHE A 233 25.19 -12.63 25.48
C PHE A 233 25.06 -14.14 25.69
N ASN A 234 25.84 -14.66 26.63
CA ASN A 234 25.80 -16.08 26.97
C ASN A 234 24.80 -16.32 28.10
N MET A 235 23.72 -17.01 27.79
CA MET A 235 22.66 -17.26 28.76
C MET A 235 23.08 -18.24 29.87
N ARG A 236 23.99 -19.14 29.54
CA ARG A 236 24.44 -20.15 30.50
C ARG A 236 25.34 -19.54 31.58
N LYS A 237 26.34 -18.78 31.15
CA LYS A 237 27.29 -18.17 32.09
C LYS A 237 26.82 -16.80 32.58
N GLY A 238 25.87 -16.21 31.87
CA GLY A 238 25.34 -14.91 32.23
C GLY A 238 26.34 -13.78 32.10
N LYS A 239 26.97 -13.69 30.93
CA LYS A 239 27.95 -12.63 30.70
C LYS A 239 28.05 -12.29 29.21
N ARG A 240 28.55 -11.08 28.93
CA ARG A 240 28.85 -10.68 27.57
C ARG A 240 29.97 -11.54 27.03
N ILE A 241 29.95 -11.78 25.72
CA ILE A 241 31.03 -12.47 25.05
C ILE A 241 31.67 -11.50 24.06
N ARG A 242 30.85 -10.57 23.57
CA ARG A 242 31.25 -9.69 22.50
C ARG A 242 30.29 -8.52 22.44
N THR A 243 30.81 -7.34 22.11
CA THR A 243 29.93 -6.19 21.89
C THR A 243 30.39 -5.38 20.68
N ILE A 244 29.55 -5.34 19.65
CA ILE A 244 29.82 -4.62 18.43
C ILE A 244 29.10 -3.28 18.45
N LYS A 245 29.81 -2.22 18.08
CA LYS A 245 29.21 -0.88 18.09
C LYS A 245 28.88 -0.40 16.69
N ILE A 246 27.61 -0.03 16.49
CA ILE A 246 27.18 0.61 15.26
C ILE A 246 26.88 2.07 15.56
N PRO A 247 27.80 2.96 15.15
CA PRO A 247 27.76 4.38 15.53
C PRO A 247 26.46 5.09 15.18
N GLN A 248 25.87 5.76 16.18
CA GLN A 248 24.68 6.59 16.03
C GLN A 248 23.54 5.96 15.22
N SER A 249 23.30 4.68 15.46
CA SER A 249 22.16 4.01 14.83
C SER A 249 21.27 3.43 15.91
N ARG A 250 19.98 3.32 15.62
CA ARG A 250 19.05 2.64 16.50
C ARG A 250 18.63 1.33 15.87
N ILE A 251 19.09 0.24 16.45
CA ILE A 251 18.86 -1.10 15.92
C ILE A 251 17.38 -1.46 16.02
N SER A 252 16.85 -2.02 14.93
CA SER A 252 15.44 -2.41 14.89
C SER A 252 15.28 -3.88 14.54
N SER A 253 16.33 -4.50 14.01
CA SER A 253 16.28 -5.93 13.68
C SER A 253 17.66 -6.58 13.61
N LEU A 254 17.71 -7.86 13.96
CA LEU A 254 18.94 -8.63 13.92
C LEU A 254 18.65 -9.99 13.30
N SER A 255 19.58 -10.48 12.49
CA SER A 255 19.46 -11.82 11.91
C SER A 255 20.82 -12.36 11.50
N PHE A 256 21.06 -13.64 11.79
CA PHE A 256 22.31 -14.30 11.43
C PHE A 256 22.19 -15.06 10.11
N ARG A 257 23.20 -14.90 9.26
CA ARG A 257 23.27 -15.69 8.03
C ARG A 257 23.65 -17.11 8.43
N THR A 258 23.06 -18.11 7.78
CA THR A 258 23.26 -19.49 8.17
C THR A 258 23.53 -20.43 7.00
N ASP A 259 24.20 -19.93 5.97
CA ASP A 259 24.50 -20.75 4.79
C ASP A 259 25.98 -21.11 4.73
N GLY A 260 26.72 -20.83 5.80
CA GLY A 260 28.14 -21.13 5.85
C GLY A 260 28.96 -19.90 6.20
N SER A 261 28.49 -18.74 5.76
CA SER A 261 29.17 -17.48 6.07
C SER A 261 28.69 -16.93 7.40
N SER A 262 29.63 -16.67 8.31
CA SER A 262 29.28 -16.14 9.62
C SER A 262 29.03 -14.63 9.57
N HIS A 263 27.90 -14.24 8.98
CA HIS A 263 27.54 -12.84 8.84
C HIS A 263 26.35 -12.44 9.72
N LEU A 264 26.31 -11.16 10.09
CA LEU A 264 25.20 -10.63 10.87
C LEU A 264 24.56 -9.44 10.16
N SER A 265 23.24 -9.43 10.10
CA SER A 265 22.51 -8.28 9.57
C SER A 265 21.93 -7.47 10.70
N VAL A 266 22.01 -6.15 10.58
CA VAL A 266 21.49 -5.22 11.56
C VAL A 266 20.63 -4.17 10.86
N GLY A 267 19.32 -4.29 11.04
CA GLY A 267 18.40 -3.29 10.53
C GLY A 267 18.36 -2.12 11.49
N THR A 268 18.04 -0.93 10.98
CA THR A 268 17.95 0.26 11.81
C THR A 268 16.66 1.02 11.52
N SER A 269 16.28 1.90 12.45
CA SER A 269 15.08 2.71 12.30
C SER A 269 15.20 3.78 11.23
N SER A 270 16.42 4.06 10.80
CA SER A 270 16.66 5.06 9.76
C SER A 270 16.51 4.47 8.36
N GLY A 271 16.27 3.16 8.29
CA GLY A 271 16.01 2.51 7.03
C GLY A 271 17.23 1.86 6.40
N ASP A 272 18.31 1.78 7.15
CA ASP A 272 19.54 1.17 6.65
C ASP A 272 19.63 -0.30 7.05
N LEU A 273 20.29 -1.10 6.22
CA LEU A 273 20.53 -2.50 6.54
C LEU A 273 22.03 -2.79 6.50
N ILE A 274 22.60 -3.06 7.66
CA ILE A 274 24.05 -3.20 7.77
C ILE A 274 24.49 -4.67 7.82
N PHE A 275 25.45 -5.03 6.99
CA PHE A 275 26.01 -6.37 6.98
C PHE A 275 27.42 -6.38 7.56
N TYR A 276 27.62 -7.24 8.55
CA TYR A 276 28.85 -7.28 9.34
C TYR A 276 29.42 -8.68 9.34
N ASP A 277 30.73 -8.79 9.10
CA ASP A 277 31.41 -10.08 9.13
C ASP A 277 31.87 -10.38 10.55
N LEU A 278 31.28 -11.42 11.15
CA LEU A 278 31.58 -11.77 12.53
C LEU A 278 32.99 -12.35 12.70
N ASP A 279 33.52 -12.95 11.64
CA ASP A 279 34.83 -13.58 11.70
C ASP A 279 35.97 -12.63 11.36
N ARG A 280 35.72 -11.72 10.43
CA ARG A 280 36.73 -10.73 10.05
C ARG A 280 36.60 -9.46 10.88
N ARG A 281 35.56 -9.41 11.71
CA ARG A 281 35.30 -8.27 12.59
C ARG A 281 35.25 -6.94 11.84
N SER A 282 34.67 -6.95 10.66
CA SER A 282 34.57 -5.74 9.84
C SER A 282 33.20 -5.57 9.21
N ARG A 283 32.83 -4.32 8.96
CA ARG A 283 31.58 -3.99 8.30
C ARG A 283 31.66 -4.42 6.84
N ILE A 284 30.80 -5.36 6.45
CA ILE A 284 30.79 -5.85 5.08
C ILE A 284 30.19 -4.79 4.16
N HIS A 285 28.96 -4.38 4.46
CA HIS A 285 28.29 -3.42 3.61
C HIS A 285 27.12 -2.75 4.32
N VAL A 286 26.46 -1.82 3.65
CA VAL A 286 25.25 -1.19 4.18
C VAL A 286 24.31 -0.72 3.08
N LEU A 287 23.17 -1.38 2.97
CA LEU A 287 22.10 -0.97 2.07
C LEU A 287 21.42 0.27 2.63
N LYS A 288 21.68 1.41 1.99
CA LYS A 288 21.17 2.69 2.48
C LYS A 288 19.73 2.94 2.06
N ASN A 289 18.92 3.37 3.03
CA ASN A 289 17.53 3.79 2.78
C ASN A 289 16.70 2.85 1.91
N ILE A 290 16.65 1.57 2.30
CA ILE A 290 15.85 0.61 1.55
C ILE A 290 14.39 0.66 1.99
N HIS A 291 14.16 1.26 3.15
CA HIS A 291 12.80 1.51 3.63
C HIS A 291 12.71 2.89 4.27
N ARG A 292 11.57 3.55 4.11
CA ARG A 292 11.39 4.93 4.58
C ARG A 292 11.47 5.05 6.11
N GLU A 293 12.26 6.00 6.58
CA GLU A 293 12.45 6.21 8.02
C GLU A 293 11.18 6.69 8.72
N SER A 294 10.39 7.52 8.04
CA SER A 294 9.15 8.04 8.61
C SER A 294 8.10 6.96 8.83
N TYR A 295 8.34 5.77 8.28
CA TYR A 295 7.42 4.66 8.45
C TYR A 295 8.05 3.55 9.30
N GLY A 296 9.11 3.90 10.02
CA GLY A 296 9.73 2.99 10.96
C GLY A 296 11.02 2.36 10.45
N GLY A 297 11.42 2.75 9.25
CA GLY A 297 12.63 2.19 8.65
C GLY A 297 12.50 0.69 8.44
N VAL A 298 13.57 -0.03 8.73
CA VAL A 298 13.54 -1.48 8.67
C VAL A 298 12.84 -2.05 9.91
N THR A 299 11.65 -2.59 9.71
CA THR A 299 10.89 -3.14 10.83
C THR A 299 11.19 -4.62 11.01
N GLN A 300 11.73 -5.24 9.97
CA GLN A 300 12.15 -6.64 10.04
C GLN A 300 13.08 -6.98 8.88
N ALA A 301 14.13 -7.73 9.18
CA ALA A 301 15.07 -8.20 8.17
C ALA A 301 15.57 -9.58 8.60
N THR A 302 15.33 -10.58 7.74
CA THR A 302 15.61 -11.96 8.09
C THR A 302 16.34 -12.70 6.99
N PHE A 303 17.48 -13.30 7.32
CA PHE A 303 18.11 -14.26 6.41
C PHE A 303 17.25 -15.51 6.36
N LEU A 304 16.98 -16.00 5.16
CA LEU A 304 16.29 -17.28 5.02
C LEU A 304 17.26 -18.38 5.44
N ASN A 305 16.75 -19.37 6.18
CA ASN A 305 17.61 -20.42 6.70
C ASN A 305 18.32 -21.19 5.59
N GLY A 306 19.64 -21.32 5.72
CA GLY A 306 20.45 -22.07 4.77
C GLY A 306 20.64 -21.40 3.43
N GLN A 307 20.13 -20.18 3.29
CA GLN A 307 20.20 -19.49 2.01
C GLN A 307 20.94 -18.15 2.12
N PRO A 308 21.54 -17.69 1.02
CA PRO A 308 22.22 -16.38 1.00
C PRO A 308 21.24 -15.27 0.68
N ILE A 309 19.99 -15.42 1.12
CA ILE A 309 18.93 -14.46 0.82
C ILE A 309 18.40 -13.82 2.09
N ILE A 310 18.31 -12.50 2.09
CA ILE A 310 17.72 -11.77 3.21
C ILE A 310 16.44 -11.05 2.78
N VAL A 311 15.38 -11.29 3.55
CA VAL A 311 14.09 -10.66 3.28
C VAL A 311 13.90 -9.48 4.24
N THR A 312 13.52 -8.32 3.69
CA THR A 312 13.40 -7.10 4.47
C THR A 312 12.03 -6.43 4.30
N SER A 313 11.59 -5.70 5.31
CA SER A 313 10.32 -4.99 5.24
C SER A 313 10.29 -3.78 6.16
N GLY A 314 9.36 -2.87 5.87
CA GLY A 314 9.14 -1.72 6.71
C GLY A 314 7.67 -1.34 6.66
N GLY A 315 7.33 -0.19 7.23
CA GLY A 315 5.95 0.26 7.23
C GLY A 315 5.60 1.02 5.96
N ASP A 316 6.50 1.00 4.99
CA ASP A 316 6.27 1.72 3.75
C ASP A 316 5.73 0.81 2.66
N ASN A 317 5.01 -0.24 3.08
CA ASN A 317 4.25 -1.11 2.19
C ASN A 317 5.13 -1.80 1.14
N SER A 318 6.30 -2.26 1.56
CA SER A 318 7.17 -3.00 0.64
C SER A 318 7.87 -4.18 1.32
N LEU A 319 8.16 -5.19 0.51
CA LEU A 319 8.75 -6.45 0.96
C LEU A 319 9.85 -6.75 -0.05
N LYS A 320 11.09 -6.59 0.36
CA LYS A 320 12.21 -6.71 -0.57
C LYS A 320 13.09 -7.93 -0.28
N GLU A 321 13.75 -8.44 -1.31
CA GLU A 321 14.65 -9.58 -1.15
C GLU A 321 16.01 -9.29 -1.75
N TYR A 322 17.04 -9.53 -0.95
CA TYR A 322 18.40 -9.21 -1.33
C TYR A 322 19.24 -10.49 -1.32
N VAL A 323 20.14 -10.64 -2.30
CA VAL A 323 20.99 -11.83 -2.39
C VAL A 323 22.48 -11.54 -2.28
N PHE A 324 23.23 -12.58 -1.92
CA PHE A 324 24.68 -12.52 -1.92
C PHE A 324 25.24 -13.51 -2.94
N ASP A 325 25.70 -13.00 -4.08
CA ASP A 325 26.23 -13.83 -5.13
C ASP A 325 27.64 -14.30 -4.77
N PRO A 326 27.95 -15.57 -5.08
CA PRO A 326 29.28 -16.15 -4.81
C PRO A 326 30.32 -15.65 -5.80
N GLN A 338 31.39 -9.76 -1.74
CA GLN A 338 30.61 -8.99 -2.70
C GLN A 338 29.39 -8.35 -2.06
N PRO A 339 29.07 -7.11 -2.47
CA PRO A 339 27.92 -6.40 -1.94
C PRO A 339 26.63 -7.07 -2.36
N PRO A 340 25.62 -7.00 -1.49
CA PRO A 340 24.31 -7.60 -1.79
C PRO A 340 23.65 -6.97 -3.03
N ARG A 341 22.98 -7.81 -3.84
CA ARG A 341 22.33 -7.41 -5.07
C ARG A 341 20.81 -7.58 -4.99
N TYR A 342 20.06 -6.52 -5.31
CA TYR A 342 18.60 -6.61 -5.34
C TYR A 342 18.11 -7.75 -6.23
N LEU A 343 17.21 -8.57 -5.67
CA LEU A 343 16.74 -9.77 -6.37
C LEU A 343 15.32 -9.60 -6.88
N ARG A 344 14.39 -9.39 -5.95
CA ARG A 344 12.99 -9.20 -6.29
C ARG A 344 12.31 -8.52 -5.13
N SER A 345 11.10 -8.01 -5.36
CA SER A 345 10.34 -7.39 -4.29
C SER A 345 8.88 -7.25 -4.67
N ARG A 346 8.04 -7.01 -3.67
CA ARG A 346 6.65 -6.66 -3.94
C ARG A 346 6.22 -5.50 -3.07
N GLY A 347 5.31 -4.68 -3.57
CA GLY A 347 4.91 -3.50 -2.82
C GLY A 347 3.76 -2.75 -3.46
N GLY A 348 3.44 -1.61 -2.86
CA GLY A 348 2.46 -0.69 -3.40
C GLY A 348 2.89 0.70 -2.99
N HIS A 349 1.94 1.62 -2.89
CA HIS A 349 2.24 2.98 -2.45
C HIS A 349 2.44 3.02 -0.94
N SER A 350 3.25 3.95 -0.47
CA SER A 350 3.43 4.18 0.96
C SER A 350 2.53 5.32 1.45
N GLN A 351 1.90 6.01 0.51
CA GLN A 351 0.91 7.04 0.82
C GLN A 351 -0.32 6.79 -0.05
N PRO A 352 -1.49 7.33 0.36
CA PRO A 352 -2.72 7.05 -0.40
C PRO A 352 -2.62 7.45 -1.87
N PRO A 353 -3.22 6.66 -2.77
CA PRO A 353 -3.19 6.96 -4.20
C PRO A 353 -3.87 8.30 -4.46
N SER A 354 -3.27 9.13 -5.31
CA SER A 354 -3.84 10.42 -5.62
C SER A 354 -4.62 10.38 -6.93
N TYR A 355 -4.14 9.60 -7.89
CA TYR A 355 -4.85 9.51 -9.17
C TYR A 355 -4.82 8.10 -9.74
N ILE A 356 -5.94 7.64 -10.29
CA ILE A 356 -5.97 6.30 -10.87
C ILE A 356 -6.62 6.26 -12.24
N ALA A 357 -6.39 5.17 -12.97
CA ALA A 357 -7.04 4.95 -14.25
C ALA A 357 -6.96 3.48 -14.63
N PHE A 358 -8.02 2.96 -15.24
CA PHE A 358 -7.94 1.62 -15.83
C PHE A 358 -7.07 1.68 -17.09
N ALA A 359 -6.09 0.79 -17.16
CA ALA A 359 -5.10 0.84 -18.23
C ALA A 359 -5.56 0.19 -19.53
N ASP A 360 -6.54 -0.70 -19.44
CA ASP A 360 -6.94 -1.51 -20.58
C ASP A 360 -8.42 -1.90 -20.50
N SER A 361 -8.92 -2.48 -21.58
CA SER A 361 -10.33 -2.86 -21.66
C SER A 361 -10.56 -4.32 -21.28
N GLN A 362 -9.49 -5.01 -20.91
CA GLN A 362 -9.60 -6.41 -20.49
C GLN A 362 -9.57 -6.53 -18.97
N SER A 363 -9.64 -5.40 -18.29
CA SER A 363 -9.58 -5.35 -16.83
C SER A 363 -8.34 -6.04 -16.26
N HIS A 364 -7.19 -5.78 -16.88
CA HIS A 364 -5.95 -6.38 -16.42
C HIS A 364 -5.25 -5.48 -15.40
N PHE A 365 -4.86 -4.29 -15.83
CA PHE A 365 -4.06 -3.39 -14.99
C PHE A 365 -4.76 -2.08 -14.65
N MET A 366 -4.37 -1.52 -13.52
CA MET A 366 -4.72 -0.16 -13.15
C MET A 366 -3.44 0.63 -12.99
N LEU A 367 -3.44 1.86 -13.50
CA LEU A 367 -2.34 2.78 -13.31
C LEU A 367 -2.69 3.66 -12.12
N SER A 368 -1.72 3.88 -11.24
CA SER A 368 -2.00 4.54 -9.98
C SER A 368 -0.83 5.42 -9.52
N ALA A 369 -1.13 6.67 -9.20
CA ALA A 369 -0.13 7.61 -8.73
C ALA A 369 -0.46 8.08 -7.31
N SER A 370 0.58 8.33 -6.54
CA SER A 370 0.46 8.71 -5.14
C SER A 370 1.36 9.88 -4.78
N LYS A 371 1.11 10.49 -3.63
CA LYS A 371 1.97 11.58 -3.17
C LYS A 371 3.34 11.10 -2.69
N ASP A 372 3.55 9.78 -2.66
CA ASP A 372 4.88 9.24 -2.39
C ASP A 372 5.78 9.34 -3.63
N ARG A 373 5.28 10.05 -4.64
CA ARG A 373 6.02 10.36 -5.88
C ARG A 373 6.25 9.15 -6.79
N SER A 374 5.46 8.10 -6.62
CA SER A 374 5.60 6.90 -7.43
C SER A 374 4.44 6.74 -8.41
N LEU A 375 4.70 6.00 -9.50
CA LEU A 375 3.69 5.62 -10.46
C LEU A 375 3.71 4.10 -10.53
N TRP A 376 2.58 3.45 -10.25
CA TRP A 376 2.50 2.00 -10.16
C TRP A 376 1.50 1.42 -11.15
N SER A 377 1.74 0.18 -11.56
CA SER A 377 0.72 -0.59 -12.27
C SER A 377 0.35 -1.80 -11.40
N PHE A 378 -0.93 -1.87 -11.03
CA PHE A 378 -1.43 -2.94 -10.20
C PHE A 378 -2.30 -3.88 -11.02
N SER A 379 -2.06 -5.18 -10.91
CA SER A 379 -2.91 -6.14 -11.59
C SER A 379 -4.21 -6.34 -10.83
N LEU A 380 -5.30 -6.53 -11.56
CA LEU A 380 -6.61 -6.77 -10.96
C LEU A 380 -6.88 -8.26 -10.82
N ARG A 381 -5.93 -9.07 -11.28
CA ARG A 381 -6.11 -10.52 -11.27
C ARG A 381 -5.68 -11.17 -9.95
N LYS A 382 -5.88 -12.47 -9.85
CA LYS A 382 -5.71 -13.21 -8.60
C LYS A 382 -4.31 -13.17 -8.01
N ASP A 383 -3.29 -13.13 -8.87
CA ASP A 383 -1.91 -13.15 -8.39
C ASP A 383 -1.52 -11.84 -7.70
N ALA A 384 -2.38 -10.83 -7.84
CA ALA A 384 -2.19 -9.53 -7.20
C ALA A 384 -0.83 -8.93 -7.54
N GLN A 385 -0.34 -9.23 -8.73
CA GLN A 385 0.97 -8.76 -9.16
C GLN A 385 0.94 -7.24 -9.32
N SER A 386 2.10 -6.61 -9.12
CA SER A 386 2.20 -5.17 -9.24
C SER A 386 3.62 -4.82 -9.62
N GLN A 387 3.81 -3.61 -10.14
CA GLN A 387 5.14 -3.18 -10.53
C GLN A 387 5.20 -1.66 -10.60
N GLU A 388 6.21 -1.07 -9.98
CA GLU A 388 6.38 0.38 -10.05
C GLU A 388 6.92 0.75 -11.41
N MET A 389 6.39 1.84 -11.98
CA MET A 389 6.92 2.36 -13.24
C MET A 389 8.32 2.93 -13.04
N SER A 390 9.28 2.45 -13.82
CA SER A 390 10.66 2.88 -13.67
C SER A 390 10.84 4.33 -14.13
N GLN A 391 11.52 5.11 -13.29
CA GLN A 391 11.79 6.50 -13.63
C GLN A 391 13.18 6.67 -14.24
N ARG A 392 13.79 5.55 -14.60
CA ARG A 392 15.10 5.56 -15.26
C ARG A 392 14.96 6.01 -16.72
N SER A 409 14.49 11.91 -4.59
CA SER A 409 15.16 11.94 -5.89
C SER A 409 14.20 11.56 -7.02
N LYS A 410 12.97 11.20 -6.66
CA LYS A 410 11.96 10.84 -7.64
C LYS A 410 11.36 12.08 -8.27
N PHE A 411 10.61 11.90 -9.36
CA PHE A 411 9.90 13.00 -10.00
C PHE A 411 8.94 13.61 -8.99
N PRO A 412 8.63 14.92 -9.14
CA PRO A 412 7.64 15.53 -8.25
C PRO A 412 6.29 14.82 -8.34
N GLU A 413 5.45 14.98 -7.32
CA GLU A 413 4.19 14.26 -7.25
C GLU A 413 3.28 14.55 -8.45
N ILE A 414 2.61 13.51 -8.93
CA ILE A 414 1.75 13.60 -10.10
C ILE A 414 0.45 14.32 -9.78
N VAL A 415 0.04 15.23 -10.66
CA VAL A 415 -1.14 16.06 -10.42
C VAL A 415 -2.21 15.84 -11.49
N ALA A 416 -1.85 15.08 -12.52
CA ALA A 416 -2.79 14.72 -13.58
C ALA A 416 -2.23 13.53 -14.36
N LEU A 417 -3.13 12.68 -14.84
CA LEU A 417 -2.71 11.42 -15.45
C LEU A 417 -3.63 11.07 -16.60
N ALA A 418 -3.06 10.53 -17.68
CA ALA A 418 -3.87 10.02 -18.79
C ALA A 418 -3.17 8.81 -19.42
N ILE A 419 -3.96 7.81 -19.81
CA ILE A 419 -3.41 6.60 -20.43
C ILE A 419 -4.36 6.05 -21.49
N GLU A 420 -3.79 5.61 -22.61
CA GLU A 420 -4.57 4.92 -23.65
C GLU A 420 -3.87 3.64 -24.09
N ASN A 421 -4.64 2.56 -24.22
CA ASN A 421 -4.07 1.25 -24.52
C ASN A 421 -3.82 1.01 -26.01
N ALA A 422 -4.36 1.86 -26.85
CA ALA A 422 -4.28 1.69 -28.32
C ALA A 422 -2.87 1.44 -28.86
N ARG A 423 -1.91 2.25 -28.45
CA ARG A 423 -0.56 2.16 -29.00
C ARG A 423 0.45 1.48 -28.08
N ILE A 424 -0.02 0.64 -27.17
CA ILE A 424 0.89 -0.05 -26.24
C ILE A 424 1.96 -0.85 -27.01
N GLY A 425 3.22 -0.63 -26.64
CA GLY A 425 4.34 -1.29 -27.30
C GLY A 425 4.86 -0.52 -28.50
N GLU A 426 3.99 0.26 -29.14
CA GLU A 426 4.36 0.99 -30.35
C GLU A 426 5.08 2.30 -30.03
N TRP A 427 4.48 3.09 -29.16
CA TRP A 427 5.16 4.27 -28.61
C TRP A 427 4.56 4.64 -27.25
N GLU A 428 4.96 5.78 -26.71
CA GLU A 428 4.47 6.20 -25.39
C GLU A 428 2.95 6.31 -25.36
N ASN A 429 2.35 5.82 -24.28
CA ASN A 429 0.90 5.82 -24.16
C ASN A 429 0.37 6.33 -22.82
N ILE A 430 1.25 6.99 -22.06
CA ILE A 430 0.88 7.57 -20.78
C ILE A 430 1.44 8.99 -20.70
N ILE A 431 0.63 9.92 -20.22
CA ILE A 431 1.09 11.27 -19.95
C ILE A 431 0.80 11.64 -18.50
N THR A 432 1.80 12.22 -17.83
CA THR A 432 1.60 12.70 -16.46
C THR A 432 2.00 14.16 -16.31
N ALA A 433 1.24 14.89 -15.51
CA ALA A 433 1.61 16.23 -15.12
C ALA A 433 2.22 16.15 -13.72
N HIS A 434 3.23 16.96 -13.45
CA HIS A 434 3.88 16.95 -12.15
C HIS A 434 3.80 18.31 -11.46
N LYS A 435 3.76 18.27 -10.13
CA LYS A 435 3.57 19.49 -9.34
C LYS A 435 4.63 20.55 -9.61
N ASP A 436 4.16 21.75 -9.93
CA ASP A 436 5.03 22.90 -10.20
C ASP A 436 6.04 22.67 -11.34
N GLU A 437 5.65 21.89 -12.35
CA GLU A 437 6.54 21.70 -13.50
C GLU A 437 5.87 22.14 -14.80
N LYS A 438 6.64 22.79 -15.66
CA LYS A 438 6.11 23.43 -16.87
C LYS A 438 6.10 22.49 -18.05
N PHE A 439 6.28 21.20 -17.79
CA PHE A 439 6.24 20.19 -18.83
C PHE A 439 5.63 18.89 -18.32
N ALA A 440 4.95 18.17 -19.21
CA ALA A 440 4.40 16.87 -18.90
C ALA A 440 5.38 15.76 -19.28
N ARG A 441 5.34 14.65 -18.56
CA ARG A 441 6.20 13.53 -18.87
C ARG A 441 5.42 12.44 -19.58
N THR A 442 6.12 11.58 -20.31
CA THR A 442 5.49 10.45 -20.97
C THR A 442 6.04 9.15 -20.41
N TRP A 443 5.25 8.08 -20.51
CA TRP A 443 5.66 6.78 -20.01
C TRP A 443 5.28 5.68 -21.00
N ASP A 444 5.92 4.53 -20.86
CA ASP A 444 5.69 3.38 -21.74
C ASP A 444 5.12 2.24 -20.93
N MET A 445 3.86 1.90 -21.20
CA MET A 445 3.17 0.85 -20.44
C MET A 445 3.75 -0.54 -20.71
N ARG A 446 4.27 -0.75 -21.91
CA ARG A 446 4.84 -2.05 -22.27
C ARG A 446 6.07 -2.38 -21.41
N ASN A 447 7.00 -1.45 -21.32
CA ASN A 447 8.23 -1.67 -20.57
C ASN A 447 8.19 -1.11 -19.15
N LYS A 448 7.02 -0.62 -18.74
CA LYS A 448 6.80 -0.11 -17.39
C LYS A 448 7.87 0.91 -16.98
N ARG A 449 8.12 1.88 -17.86
CA ARG A 449 9.23 2.80 -17.68
C ARG A 449 8.87 4.16 -18.26
N VAL A 450 9.50 5.21 -17.75
CA VAL A 450 9.33 6.56 -18.28
C VAL A 450 9.69 6.58 -19.77
N GLY A 451 9.01 7.42 -20.52
CA GLY A 451 9.21 7.50 -21.96
C GLY A 451 10.19 8.56 -22.40
N ARG A 452 10.26 8.79 -23.71
CA ARG A 452 11.27 9.65 -24.31
C ARG A 452 10.95 11.13 -24.29
N TRP A 453 9.65 11.47 -24.34
CA TRP A 453 9.29 12.87 -24.55
C TRP A 453 8.90 13.62 -23.29
N THR A 454 9.13 14.92 -23.32
CA THR A 454 8.55 15.86 -22.37
C THR A 454 7.79 16.90 -23.18
N PHE A 455 6.61 17.27 -22.71
CA PHE A 455 5.73 18.17 -23.45
C PHE A 455 5.60 19.51 -22.73
N ASP A 456 6.23 20.55 -23.27
CA ASP A 456 6.21 21.86 -22.64
C ASP A 456 4.90 22.60 -22.87
N THR A 457 4.52 23.47 -21.93
CA THR A 457 3.31 24.28 -22.08
C THR A 457 3.50 25.38 -23.11
N THR A 458 4.75 25.82 -23.28
CA THR A 458 5.14 26.90 -24.20
C THR A 458 4.74 28.31 -23.75
N ASP A 459 3.89 28.42 -22.73
CA ASP A 459 3.53 29.74 -22.21
C ASP A 459 4.06 29.98 -20.81
N ASP A 460 5.06 29.20 -20.41
CA ASP A 460 5.73 29.34 -19.11
C ASP A 460 4.83 28.97 -17.92
N GLY A 461 3.67 28.38 -18.21
CA GLY A 461 2.78 27.93 -17.16
C GLY A 461 3.07 26.49 -16.75
N PHE A 462 2.51 26.08 -15.61
CA PHE A 462 2.59 24.69 -15.16
C PHE A 462 1.55 23.88 -15.90
N VAL A 463 1.77 22.58 -16.03
CA VAL A 463 0.77 21.70 -16.62
C VAL A 463 -0.30 21.42 -15.57
N LYS A 464 -1.56 21.68 -15.91
CA LYS A 464 -2.66 21.52 -14.96
C LYS A 464 -3.64 20.46 -15.43
N SER A 465 -3.56 20.12 -16.72
CA SER A 465 -4.40 19.05 -17.25
C SER A 465 -3.69 18.34 -18.40
N VAL A 466 -3.96 17.05 -18.54
CA VAL A 466 -3.43 16.26 -19.64
C VAL A 466 -4.52 15.35 -20.20
N ALA A 467 -4.38 14.99 -21.47
CA ALA A 467 -5.35 14.10 -22.12
C ALA A 467 -4.70 13.42 -23.32
N MET A 468 -5.38 12.41 -23.84
CA MET A 468 -4.89 11.67 -24.99
C MET A 468 -6.03 11.31 -25.94
N SER A 469 -5.73 11.22 -27.23
CA SER A 469 -6.71 10.74 -28.18
C SER A 469 -6.91 9.25 -28.00
N GLN A 470 -8.05 8.74 -28.45
CA GLN A 470 -8.37 7.33 -28.33
C GLN A 470 -7.44 6.49 -29.22
N CYS A 471 -7.03 7.07 -30.34
CA CYS A 471 -6.15 6.39 -31.29
C CYS A 471 -4.74 6.28 -30.76
N GLY A 472 -4.40 7.10 -29.77
CA GLY A 472 -3.08 7.09 -29.18
C GLY A 472 -2.05 7.93 -29.94
N ASN A 473 -2.51 8.65 -30.96
CA ASN A 473 -1.60 9.46 -31.77
C ASN A 473 -1.24 10.80 -31.14
N PHE A 474 -2.10 11.32 -30.28
CA PHE A 474 -1.92 12.69 -29.79
C PHE A 474 -1.97 12.84 -28.27
N GLY A 475 -1.17 13.77 -27.77
CA GLY A 475 -1.20 14.15 -26.37
C GLY A 475 -1.65 15.59 -26.22
N PHE A 476 -2.45 15.85 -25.19
CA PHE A 476 -2.97 17.19 -24.96
C PHE A 476 -2.51 17.73 -23.61
N ILE A 477 -2.02 18.96 -23.60
CA ILE A 477 -1.49 19.59 -22.40
C ILE A 477 -2.15 20.94 -22.16
N GLY A 478 -2.71 21.12 -20.97
CA GLY A 478 -3.34 22.38 -20.60
C GLY A 478 -2.48 23.12 -19.59
N SER A 479 -2.33 24.43 -19.78
CA SER A 479 -1.41 25.21 -18.98
C SER A 479 -2.12 26.07 -17.93
N SER A 480 -1.40 26.40 -16.87
CA SER A 480 -1.92 27.30 -15.83
C SER A 480 -2.05 28.72 -16.38
N ASN A 481 -1.42 28.99 -17.52
CA ASN A 481 -1.51 30.30 -18.17
C ASN A 481 -2.56 30.35 -19.28
N GLY A 482 -3.20 29.21 -19.54
CA GLY A 482 -4.34 29.19 -20.45
C GLY A 482 -4.14 28.48 -21.77
N SER A 483 -2.90 28.23 -22.16
CA SER A 483 -2.62 27.63 -23.46
C SER A 483 -2.95 26.16 -23.50
N ILE A 484 -3.29 25.68 -24.68
CA ILE A 484 -3.46 24.25 -24.91
C ILE A 484 -2.54 23.78 -26.01
N THR A 485 -1.71 22.80 -25.71
CA THR A 485 -0.76 22.30 -26.71
C THR A 485 -1.05 20.85 -27.08
N ILE A 486 -0.92 20.56 -28.36
CA ILE A 486 -1.15 19.22 -28.91
C ILE A 486 0.14 18.68 -29.50
N TYR A 487 0.59 17.56 -28.93
CA TYR A 487 1.84 16.92 -29.29
C TYR A 487 1.62 15.57 -29.96
N ASN A 488 2.60 15.17 -30.77
CA ASN A 488 2.60 13.88 -31.44
C ASN A 488 3.24 12.83 -30.54
N MET A 489 2.49 11.81 -30.15
CA MET A 489 3.00 10.81 -29.21
C MET A 489 4.10 9.94 -29.82
N GLN A 490 4.17 9.91 -31.14
CA GLN A 490 5.13 9.05 -31.83
C GLN A 490 6.50 9.71 -31.96
N SER A 491 6.51 10.99 -32.30
CA SER A 491 7.75 11.72 -32.55
C SER A 491 8.07 12.72 -31.45
N GLY A 492 7.06 13.08 -30.67
CA GLY A 492 7.24 14.01 -29.57
C GLY A 492 7.10 15.45 -30.01
N ILE A 493 6.84 15.65 -31.29
CA ILE A 493 6.81 16.99 -31.86
C ILE A 493 5.55 17.76 -31.50
N LEU A 494 5.69 19.07 -31.33
CA LEU A 494 4.55 19.96 -31.11
C LEU A 494 3.78 20.05 -32.41
N ARG A 495 2.49 19.69 -32.35
CA ARG A 495 1.65 19.76 -33.53
C ARG A 495 0.89 21.07 -33.57
N LYS A 496 0.10 21.34 -32.53
CA LYS A 496 -0.77 22.51 -32.59
C LYS A 496 -0.86 23.25 -31.27
N LYS A 497 -1.17 24.54 -31.32
CA LYS A 497 -1.31 25.34 -30.11
C LYS A 497 -2.55 26.24 -30.18
N TYR A 498 -3.36 26.20 -29.12
CA TYR A 498 -4.55 27.02 -29.00
C TYR A 498 -4.41 27.94 -27.79
N LYS A 499 -4.99 29.14 -27.90
CA LYS A 499 -5.00 30.07 -26.77
C LYS A 499 -6.38 30.70 -26.64
N LEU A 500 -7.19 30.13 -25.76
CA LEU A 500 -8.52 30.66 -25.48
C LEU A 500 -8.62 31.09 -24.02
N HIS A 501 -8.26 30.19 -23.13
CA HIS A 501 -8.40 30.43 -21.69
C HIS A 501 -7.39 31.44 -21.21
N LYS A 502 -7.78 32.24 -20.22
CA LYS A 502 -6.87 33.22 -19.62
C LYS A 502 -6.49 32.81 -18.21
N ARG A 503 -7.16 31.78 -17.70
CA ARG A 503 -6.77 31.15 -16.44
C ARG A 503 -6.45 29.68 -16.69
N ALA A 504 -6.15 28.94 -15.63
CA ALA A 504 -5.70 27.56 -15.76
C ALA A 504 -6.71 26.66 -16.49
N VAL A 505 -6.22 25.93 -17.48
CA VAL A 505 -7.02 24.90 -18.14
C VAL A 505 -7.09 23.64 -17.30
N THR A 506 -8.26 23.33 -16.78
CA THR A 506 -8.42 22.26 -15.81
C THR A 506 -8.89 20.95 -16.44
N GLY A 507 -9.23 20.99 -17.72
CA GLY A 507 -9.68 19.80 -18.41
C GLY A 507 -9.61 19.90 -19.92
N ILE A 508 -9.22 18.80 -20.56
CA ILE A 508 -9.16 18.73 -22.02
C ILE A 508 -9.61 17.35 -22.48
N SER A 509 -10.31 17.28 -23.60
CA SER A 509 -10.61 16.01 -24.22
C SER A 509 -10.93 16.14 -25.71
N LEU A 510 -11.02 14.99 -26.38
CA LEU A 510 -11.27 14.94 -27.81
C LEU A 510 -12.19 13.75 -28.07
N ASP A 511 -13.17 13.93 -28.95
CA ASP A 511 -14.10 12.85 -29.27
C ASP A 511 -13.38 11.70 -29.97
N GLY A 512 -13.99 10.52 -29.95
CA GLY A 512 -13.39 9.32 -30.51
C GLY A 512 -13.01 9.40 -31.98
N MET A 513 -13.65 10.31 -32.71
CA MET A 513 -13.37 10.47 -34.14
C MET A 513 -12.42 11.64 -34.41
N ASN A 514 -11.83 12.19 -33.35
CA ASN A 514 -10.89 13.29 -33.46
C ASN A 514 -11.43 14.50 -34.22
N ARG A 515 -12.72 14.76 -34.07
CA ARG A 515 -13.37 15.87 -34.77
C ARG A 515 -13.35 17.13 -33.93
N LYS A 516 -13.95 17.04 -32.75
CA LYS A 516 -14.11 18.21 -31.89
C LYS A 516 -13.39 18.08 -30.56
N MET A 517 -12.62 19.10 -30.23
CA MET A 517 -11.88 19.13 -28.99
C MET A 517 -12.57 20.06 -28.00
N VAL A 518 -12.63 19.66 -26.74
CA VAL A 518 -13.27 20.48 -25.72
C VAL A 518 -12.34 20.77 -24.55
N SER A 519 -12.50 21.95 -23.94
CA SER A 519 -11.68 22.31 -22.80
C SER A 519 -12.48 23.04 -21.74
N CYS A 520 -11.97 23.05 -20.52
CA CYS A 520 -12.55 23.84 -19.44
C CYS A 520 -11.44 24.52 -18.65
N GLY A 521 -11.80 25.54 -17.88
CA GLY A 521 -10.82 26.29 -17.12
C GLY A 521 -11.41 26.94 -15.89
N LEU A 522 -10.53 27.50 -15.05
CA LEU A 522 -10.93 28.18 -13.83
C LEU A 522 -11.64 29.50 -14.12
N ASP A 523 -11.55 29.95 -15.37
CA ASP A 523 -12.25 31.15 -15.81
C ASP A 523 -13.73 30.83 -16.07
N GLY A 524 -14.10 29.57 -15.90
CA GLY A 524 -15.48 29.15 -16.07
C GLY A 524 -15.88 29.00 -17.53
N ILE A 525 -14.89 29.06 -18.42
CA ILE A 525 -15.16 28.93 -19.86
C ILE A 525 -15.04 27.48 -20.33
N VAL A 526 -15.97 27.09 -21.21
CA VAL A 526 -15.88 25.82 -21.92
C VAL A 526 -15.58 26.11 -23.39
N GLY A 527 -14.43 25.64 -23.85
CA GLY A 527 -14.02 25.86 -25.23
C GLY A 527 -14.33 24.70 -26.14
N PHE A 528 -14.81 25.02 -27.35
CA PHE A 528 -15.07 24.02 -28.38
C PHE A 528 -14.25 24.37 -29.62
N TYR A 529 -13.41 23.44 -30.06
CA TYR A 529 -12.49 23.67 -31.17
C TYR A 529 -12.60 22.59 -32.23
N ASP A 530 -12.31 22.96 -33.48
CA ASP A 530 -12.20 22.00 -34.57
C ASP A 530 -10.77 21.46 -34.59
N PHE A 531 -10.63 20.14 -34.52
CA PHE A 531 -9.32 19.50 -34.41
C PHE A 531 -8.53 19.54 -35.72
N ASN A 532 -9.22 19.28 -36.84
CA ASN A 532 -8.57 19.23 -38.14
C ASN A 532 -8.06 20.58 -38.63
N LYS A 533 -8.85 21.64 -38.43
CA LYS A 533 -8.34 22.99 -38.57
C LYS A 533 -7.93 23.48 -37.18
N SER A 534 -8.07 24.77 -36.94
CA SER A 534 -7.73 25.33 -35.63
C SER A 534 -8.76 26.38 -35.27
N THR A 535 -9.96 26.21 -35.80
CA THR A 535 -11.02 27.18 -35.62
C THR A 535 -11.67 27.04 -34.24
N LEU A 536 -11.97 28.18 -33.63
CA LEU A 536 -12.77 28.19 -32.41
C LEU A 536 -14.22 27.94 -32.79
N LEU A 537 -14.72 26.75 -32.48
CA LEU A 537 -16.08 26.39 -32.86
C LEU A 537 -17.09 27.00 -31.91
N GLY A 538 -16.69 27.29 -30.68
CA GLY A 538 -17.59 27.93 -29.75
C GLY A 538 -17.09 28.10 -28.33
N LYS A 539 -17.87 28.82 -27.54
CA LYS A 539 -17.55 29.09 -26.14
C LYS A 539 -18.80 29.10 -25.28
N LEU A 540 -18.69 28.51 -24.09
CA LEU A 540 -19.73 28.59 -23.08
C LEU A 540 -19.17 29.29 -21.85
N LYS A 541 -19.98 30.12 -21.20
CA LYS A 541 -19.54 30.77 -19.97
C LYS A 541 -20.38 30.28 -18.79
N LEU A 542 -19.77 29.47 -17.94
CA LEU A 542 -20.47 28.93 -16.79
C LEU A 542 -20.29 29.84 -15.58
N ASP A 543 -21.17 29.67 -14.59
CA ASP A 543 -21.30 30.61 -13.48
C ASP A 543 -20.26 30.42 -12.38
N ALA A 544 -19.42 29.40 -12.51
CA ALA A 544 -18.42 29.11 -11.48
C ALA A 544 -17.15 28.53 -12.09
N PRO A 545 -16.01 28.69 -11.40
CA PRO A 545 -14.77 28.07 -11.87
C PRO A 545 -14.93 26.56 -12.05
N ILE A 546 -14.31 26.02 -13.10
CA ILE A 546 -14.42 24.59 -13.39
C ILE A 546 -13.12 23.92 -13.02
N THR A 547 -13.21 22.84 -12.23
CA THR A 547 -12.02 22.23 -11.66
C THR A 547 -11.62 20.92 -12.32
N ALA A 548 -12.54 20.28 -13.03
CA ALA A 548 -12.26 18.98 -13.64
C ALA A 548 -13.25 18.61 -14.74
N MET A 549 -12.80 17.77 -15.66
CA MET A 549 -13.64 17.29 -16.76
C MET A 549 -13.51 15.78 -16.93
N VAL A 550 -14.64 15.11 -17.19
CA VAL A 550 -14.63 13.72 -17.62
C VAL A 550 -15.46 13.62 -18.90
N TYR A 551 -14.83 13.15 -19.97
CA TYR A 551 -15.48 13.04 -21.27
C TYR A 551 -15.88 11.59 -21.54
N HIS A 552 -17.14 11.40 -21.93
CA HIS A 552 -17.64 10.07 -22.26
C HIS A 552 -17.66 9.90 -23.78
N ARG A 553 -16.67 9.17 -24.29
CA ARG A 553 -16.45 9.07 -25.73
C ARG A 553 -17.56 8.35 -26.50
N SER A 554 -18.23 7.39 -25.86
CA SER A 554 -19.25 6.62 -26.55
C SER A 554 -20.60 7.33 -26.62
N SER A 555 -20.75 8.42 -25.86
CA SER A 555 -21.99 9.19 -25.86
C SER A 555 -21.76 10.66 -26.19
N ASP A 556 -20.49 11.06 -26.28
CA ASP A 556 -20.10 12.43 -26.57
C ASP A 556 -20.67 13.45 -25.58
N LEU A 557 -20.95 12.98 -24.37
CA LEU A 557 -21.29 13.87 -23.28
C LEU A 557 -20.03 14.08 -22.44
N PHE A 558 -19.88 15.26 -21.86
CA PHE A 558 -18.83 15.44 -20.86
C PHE A 558 -19.34 16.20 -19.65
N ALA A 559 -18.85 15.82 -18.48
CA ALA A 559 -19.27 16.43 -17.23
C ALA A 559 -18.16 17.31 -16.66
N LEU A 560 -18.56 18.33 -15.91
CA LEU A 560 -17.63 19.28 -15.33
C LEU A 560 -17.98 19.49 -13.86
N ALA A 561 -16.96 19.52 -13.02
CA ALA A 561 -17.16 19.85 -11.60
C ALA A 561 -16.93 21.33 -11.40
N LEU A 562 -17.89 22.00 -10.78
CA LEU A 562 -17.79 23.45 -10.59
C LEU A 562 -17.62 23.80 -9.11
N ASP A 563 -17.05 24.97 -8.85
CA ASP A 563 -16.82 25.41 -7.47
C ASP A 563 -18.13 25.69 -6.71
N ASP A 564 -19.23 25.82 -7.44
CA ASP A 564 -20.53 26.01 -6.80
C ASP A 564 -21.17 24.69 -6.39
N LEU A 565 -20.37 23.63 -6.38
CA LEU A 565 -20.77 22.30 -5.92
C LEU A 565 -21.77 21.58 -6.82
N SER A 566 -21.86 22.02 -8.08
CA SER A 566 -22.74 21.35 -9.03
C SER A 566 -21.92 20.57 -10.04
N ILE A 567 -22.57 19.62 -10.70
CA ILE A 567 -21.95 18.91 -11.82
C ILE A 567 -22.68 19.25 -13.11
N VAL A 568 -21.99 19.87 -14.06
CA VAL A 568 -22.63 20.26 -15.31
C VAL A 568 -22.34 19.30 -16.46
N VAL A 569 -23.40 18.75 -17.04
CA VAL A 569 -23.28 17.83 -18.17
C VAL A 569 -23.63 18.50 -19.49
N ILE A 570 -22.67 18.45 -20.40
CA ILE A 570 -22.74 19.11 -21.70
C ILE A 570 -22.66 18.13 -22.87
N ASP A 571 -23.51 18.34 -23.87
CA ASP A 571 -23.47 17.62 -25.13
C ASP A 571 -22.44 18.29 -26.05
N ALA A 572 -21.42 17.54 -26.46
CA ALA A 572 -20.34 18.10 -27.26
C ALA A 572 -20.78 18.43 -28.69
N VAL A 573 -21.72 17.67 -29.21
CA VAL A 573 -22.23 17.89 -30.56
C VAL A 573 -22.99 19.22 -30.65
N THR A 574 -23.91 19.43 -29.71
CA THR A 574 -24.74 20.63 -29.71
C THR A 574 -24.04 21.80 -29.02
N GLN A 575 -22.98 21.50 -28.27
CA GLN A 575 -22.26 22.51 -27.50
C GLN A 575 -23.18 23.21 -26.51
N ARG A 576 -24.11 22.46 -25.94
CA ARG A 576 -25.09 23.00 -25.00
C ARG A 576 -25.08 22.23 -23.69
N VAL A 577 -25.34 22.93 -22.59
CA VAL A 577 -25.55 22.26 -21.32
C VAL A 577 -26.85 21.47 -21.39
N VAL A 578 -26.79 20.19 -21.06
CA VAL A 578 -27.99 19.35 -21.09
C VAL A 578 -28.48 18.99 -19.70
N ARG A 579 -27.60 19.07 -18.70
CA ARG A 579 -28.07 18.79 -17.34
C ARG A 579 -27.20 19.43 -16.27
N GLN A 580 -27.77 19.67 -15.10
CA GLN A 580 -27.01 20.21 -13.97
C GLN A 580 -27.42 19.50 -12.68
N LEU A 581 -26.43 18.92 -12.00
CA LEU A 581 -26.66 18.09 -10.84
C LEU A 581 -26.32 18.82 -9.55
N TRP A 582 -27.32 18.97 -8.69
CA TRP A 582 -27.18 19.64 -7.41
C TRP A 582 -27.47 18.66 -6.28
N GLY A 583 -26.66 18.67 -5.23
CA GLY A 583 -26.86 17.78 -4.12
C GLY A 583 -25.73 17.77 -3.11
N HIS A 584 -24.49 17.76 -3.60
CA HIS A 584 -23.32 17.73 -2.73
C HIS A 584 -23.23 18.97 -1.87
N SER A 585 -22.79 18.80 -0.63
CA SER A 585 -22.73 19.90 0.33
C SER A 585 -21.29 20.36 0.53
N ASN A 586 -20.35 19.71 -0.16
CA ASN A 586 -18.95 20.11 -0.10
C ASN A 586 -18.27 19.85 -1.44
N ARG A 587 -17.01 20.27 -1.53
CA ARG A 587 -16.22 20.17 -2.76
C ARG A 587 -16.26 18.78 -3.40
N ILE A 588 -16.51 18.76 -4.70
CA ILE A 588 -16.50 17.51 -5.47
C ILE A 588 -15.08 17.07 -5.74
N THR A 589 -14.75 15.84 -5.33
CA THR A 589 -13.40 15.30 -5.51
C THR A 589 -13.21 14.62 -6.86
N ALA A 590 -14.21 13.87 -7.30
CA ALA A 590 -14.08 13.09 -8.53
C ALA A 590 -15.43 12.60 -9.03
N PHE A 591 -15.46 12.14 -10.27
CA PHE A 591 -16.68 11.64 -10.89
C PHE A 591 -16.37 10.85 -12.16
N ASP A 592 -17.33 10.04 -12.60
CA ASP A 592 -17.17 9.27 -13.82
C ASP A 592 -18.51 8.83 -14.40
N PHE A 593 -18.53 8.56 -15.69
CA PHE A 593 -19.72 8.04 -16.37
C PHE A 593 -19.76 6.52 -16.26
N SER A 594 -20.95 5.97 -16.08
CA SER A 594 -21.14 4.54 -16.26
C SER A 594 -20.98 4.30 -17.76
N PRO A 595 -20.39 3.16 -18.14
CA PRO A 595 -20.04 2.85 -19.53
C PRO A 595 -21.17 3.06 -20.54
N GLU A 596 -22.41 2.79 -20.14
CA GLU A 596 -23.54 2.97 -21.04
C GLU A 596 -23.82 4.45 -21.29
N GLY A 597 -23.61 5.26 -20.26
CA GLY A 597 -23.87 6.69 -20.35
C GLY A 597 -25.09 7.10 -19.55
N ARG A 598 -25.75 6.12 -18.94
CA ARG A 598 -26.97 6.37 -18.17
C ARG A 598 -26.71 7.05 -16.84
N TRP A 599 -25.57 6.75 -16.23
CA TRP A 599 -25.28 7.24 -14.88
C TRP A 599 -24.03 8.10 -14.79
N ILE A 600 -23.98 8.92 -13.74
CA ILE A 600 -22.74 9.55 -13.32
C ILE A 600 -22.56 9.28 -11.83
N VAL A 601 -21.40 8.78 -11.43
CA VAL A 601 -21.13 8.60 -10.01
C VAL A 601 -20.12 9.66 -9.55
N SER A 602 -20.36 10.25 -8.39
CA SER A 602 -19.51 11.34 -7.92
C SER A 602 -19.15 11.20 -6.44
N ALA A 603 -17.99 11.74 -6.08
CA ALA A 603 -17.53 11.73 -4.70
C ALA A 603 -17.24 13.16 -4.26
N SER A 604 -17.25 13.40 -2.95
CA SER A 604 -17.11 14.75 -2.44
C SER A 604 -16.48 14.78 -1.04
N LEU A 605 -16.07 15.97 -0.62
CA LEU A 605 -15.56 16.17 0.73
C LEU A 605 -16.66 15.95 1.77
N ASP A 606 -17.91 15.95 1.33
CA ASP A 606 -19.04 15.70 2.23
C ASP A 606 -19.12 14.23 2.67
N SER A 607 -18.13 13.45 2.25
CA SER A 607 -18.00 12.04 2.61
C SER A 607 -19.12 11.18 2.02
N THR A 608 -19.61 11.56 0.86
CA THR A 608 -20.63 10.78 0.16
C THR A 608 -20.16 10.34 -1.22
N ILE A 609 -20.80 9.27 -1.71
CA ILE A 609 -20.64 8.82 -3.08
C ILE A 609 -22.05 8.70 -3.65
N ARG A 610 -22.36 9.48 -4.66
CA ARG A 610 -23.72 9.53 -5.19
C ARG A 610 -23.83 9.06 -6.63
N THR A 611 -24.95 8.42 -6.94
CA THR A 611 -25.25 7.99 -8.29
C THR A 611 -26.38 8.84 -8.87
N TRP A 612 -26.14 9.42 -10.04
CA TRP A 612 -27.07 10.32 -10.70
C TRP A 612 -27.57 9.70 -11.99
N ASP A 613 -28.89 9.61 -12.13
CA ASP A 613 -29.49 9.17 -13.38
C ASP A 613 -29.64 10.37 -14.30
N LEU A 614 -28.98 10.30 -15.46
CA LEU A 614 -28.96 11.42 -16.41
C LEU A 614 -30.29 11.77 -17.09
N PRO A 615 -31.13 10.76 -17.43
CA PRO A 615 -32.43 11.12 -18.00
C PRO A 615 -33.29 12.02 -17.12
N THR A 616 -33.13 11.95 -15.80
CA THR A 616 -33.91 12.81 -14.90
C THR A 616 -33.05 13.85 -14.18
N GLY A 617 -31.75 13.56 -14.05
CA GLY A 617 -30.85 14.44 -13.34
C GLY A 617 -30.93 14.28 -11.83
N GLY A 618 -31.70 13.30 -11.38
CA GLY A 618 -31.89 13.08 -9.97
C GLY A 618 -30.96 12.05 -9.36
N CYS A 619 -30.66 12.21 -8.07
CA CYS A 619 -29.82 11.27 -7.35
C CYS A 619 -30.62 10.03 -6.96
N ILE A 620 -30.26 8.88 -7.53
CA ILE A 620 -31.01 7.65 -7.30
C ILE A 620 -30.39 6.76 -6.25
N ASP A 621 -29.18 7.09 -5.82
CA ASP A 621 -28.49 6.33 -4.77
C ASP A 621 -27.42 7.18 -4.10
N GLY A 622 -27.23 6.95 -2.80
CA GLY A 622 -26.24 7.69 -2.06
C GLY A 622 -25.60 6.83 -0.98
N ILE A 623 -24.30 6.99 -0.81
CA ILE A 623 -23.54 6.20 0.16
C ILE A 623 -22.75 7.14 1.05
N ILE A 624 -22.84 6.94 2.36
CA ILE A 624 -22.02 7.69 3.30
C ILE A 624 -20.87 6.83 3.78
N VAL A 625 -19.64 7.29 3.53
CA VAL A 625 -18.45 6.58 3.96
C VAL A 625 -17.78 7.32 5.11
N ASP A 626 -16.97 6.60 5.89
CA ASP A 626 -16.26 7.21 7.01
C ASP A 626 -14.86 7.61 6.58
N ASN A 627 -14.57 7.38 5.30
CA ASN A 627 -13.26 7.64 4.72
C ASN A 627 -13.48 8.24 3.34
N VAL A 628 -13.33 9.56 3.25
CA VAL A 628 -13.68 10.33 2.05
C VAL A 628 -13.04 9.75 0.78
N ALA A 629 -13.86 9.55 -0.24
CA ALA A 629 -13.38 9.08 -1.53
C ALA A 629 -12.74 10.21 -2.33
N THR A 630 -11.51 9.99 -2.79
CA THR A 630 -10.78 10.98 -3.55
C THR A 630 -10.79 10.65 -5.03
N ASN A 631 -11.07 9.39 -5.35
CA ASN A 631 -11.27 9.02 -6.76
C ASN A 631 -12.40 8.02 -6.92
N VAL A 632 -13.08 8.13 -8.06
CA VAL A 632 -14.10 7.18 -8.48
C VAL A 632 -13.99 6.95 -9.99
N LYS A 633 -13.84 5.69 -10.40
CA LYS A 633 -13.72 5.35 -11.81
C LYS A 633 -14.47 4.06 -12.12
N PHE A 634 -15.27 4.09 -13.19
CA PHE A 634 -15.89 2.86 -13.66
C PHE A 634 -14.91 2.05 -14.49
N SER A 635 -14.99 0.73 -14.34
CA SER A 635 -14.28 -0.16 -15.24
C SER A 635 -14.84 0.07 -16.64
N PRO A 636 -14.00 -0.11 -17.68
CA PRO A 636 -14.43 0.05 -19.08
C PRO A 636 -15.72 -0.73 -19.40
N ASN A 637 -15.81 -1.95 -18.90
CA ASN A 637 -17.05 -2.70 -18.86
C ASN A 637 -17.71 -2.38 -17.53
N GLY A 638 -19.03 -2.35 -17.47
CA GLY A 638 -19.71 -1.81 -16.30
C GLY A 638 -19.56 -2.54 -14.97
N ASP A 639 -18.76 -3.60 -14.94
CA ASP A 639 -18.74 -4.51 -13.79
C ASP A 639 -18.20 -3.95 -12.47
N LEU A 640 -17.11 -3.18 -12.53
CA LEU A 640 -16.47 -2.73 -11.30
C LEU A 640 -16.38 -1.21 -11.14
N LEU A 641 -16.25 -0.78 -9.89
CA LEU A 641 -15.99 0.62 -9.57
C LEU A 641 -14.76 0.71 -8.68
N ALA A 642 -13.78 1.49 -9.10
CA ALA A 642 -12.58 1.69 -8.29
C ALA A 642 -12.67 3.02 -7.56
N THR A 643 -12.38 3.01 -6.26
CA THR A 643 -12.35 4.24 -5.49
C THR A 643 -11.05 4.38 -4.70
N THR A 644 -10.57 5.60 -4.56
CA THR A 644 -9.44 5.86 -3.66
C THR A 644 -9.88 6.83 -2.58
N HIS A 645 -9.30 6.66 -1.40
CA HIS A 645 -9.75 7.39 -0.22
C HIS A 645 -8.63 8.12 0.50
N VAL A 646 -9.02 9.04 1.39
CA VAL A 646 -8.08 9.89 2.11
C VAL A 646 -7.06 9.10 2.93
N THR A 647 -7.52 8.01 3.56
CA THR A 647 -6.61 7.13 4.29
C THR A 647 -6.61 5.75 3.66
N GLY A 648 -5.44 5.09 3.65
CA GLY A 648 -5.30 3.78 3.04
C GLY A 648 -4.45 3.85 1.78
N ASN A 649 -3.52 2.90 1.67
CA ASN A 649 -2.57 2.89 0.56
C ASN A 649 -3.13 2.25 -0.70
N GLY A 650 -4.24 1.54 -0.56
CA GLY A 650 -4.76 0.74 -1.67
C GLY A 650 -5.90 1.35 -2.46
N ILE A 651 -6.41 0.57 -3.40
CA ILE A 651 -7.53 0.97 -4.23
C ILE A 651 -8.71 0.06 -3.98
N CYS A 652 -9.85 0.63 -3.58
CA CYS A 652 -11.04 -0.16 -3.27
C CYS A 652 -11.79 -0.57 -4.53
N ILE A 653 -12.10 -1.86 -4.63
CA ILE A 653 -12.90 -2.36 -5.73
C ILE A 653 -14.32 -2.66 -5.25
N TRP A 654 -15.30 -2.21 -6.02
CA TRP A 654 -16.71 -2.43 -5.74
C TRP A 654 -17.32 -3.16 -6.92
N THR A 655 -18.27 -4.03 -6.64
CA THR A 655 -19.06 -4.69 -7.68
C THR A 655 -20.33 -3.89 -7.94
N ASN A 656 -20.52 -3.53 -9.21
CA ASN A 656 -21.75 -2.88 -9.66
C ASN A 656 -22.83 -3.94 -9.83
N ARG A 657 -23.62 -4.14 -8.78
CA ARG A 657 -24.65 -5.18 -8.80
C ARG A 657 -25.93 -4.71 -9.47
N ALA A 658 -25.84 -3.66 -10.27
CA ALA A 658 -27.00 -3.14 -10.98
C ALA A 658 -26.80 -3.12 -12.49
N GLN A 659 -25.97 -4.01 -13.00
CA GLN A 659 -25.76 -4.12 -14.44
C GLN A 659 -27.01 -4.66 -15.14
N SER A 664 -32.88 -0.62 -12.15
CA SER A 664 -32.90 0.12 -10.90
C SER A 664 -33.97 1.21 -10.90
N THR A 665 -34.42 1.58 -9.72
CA THR A 665 -35.45 2.60 -9.58
C THR A 665 -34.89 3.98 -9.92
N ARG A 666 -35.78 4.92 -10.22
CA ARG A 666 -35.40 6.29 -10.52
C ARG A 666 -35.85 7.21 -9.40
N THR A 667 -36.23 6.60 -8.27
CA THR A 667 -36.73 7.34 -7.12
C THR A 667 -35.64 8.22 -6.49
N ILE A 668 -36.01 9.44 -6.15
CA ILE A 668 -35.09 10.37 -5.50
C ILE A 668 -34.79 9.94 -4.06
N ASP A 669 -33.67 10.42 -3.52
CA ASP A 669 -33.31 10.13 -2.13
C ASP A 669 -32.94 11.42 -1.39
N GLU A 670 -32.65 11.30 -0.10
CA GLU A 670 -32.26 12.45 0.70
C GLU A 670 -31.30 12.04 1.82
N SER A 671 -31.87 11.70 2.98
CA SER A 671 -31.09 11.21 4.11
C SER A 671 -31.31 9.71 4.24
N GLU A 672 -31.74 9.10 3.15
CA GLU A 672 -31.92 7.66 3.10
C GLU A 672 -30.63 7.01 2.60
N PHE A 673 -29.54 7.79 2.64
CA PHE A 673 -28.24 7.30 2.19
C PHE A 673 -27.76 6.16 3.07
N ALA A 674 -26.99 5.26 2.48
CA ALA A 674 -26.45 4.11 3.20
C ALA A 674 -25.09 4.45 3.80
N ARG A 675 -24.89 4.06 5.07
CA ARG A 675 -23.60 4.27 5.72
C ARG A 675 -22.75 3.03 5.58
N MET A 676 -22.12 2.88 4.41
CA MET A 676 -21.37 1.67 4.08
C MET A 676 -19.89 1.73 4.45
N ALA A 677 -19.35 0.58 4.85
CA ALA A 677 -17.93 0.46 5.13
C ALA A 677 -17.18 0.05 3.88
N LEU A 678 -15.88 0.33 3.86
CA LEU A 678 -15.03 -0.04 2.74
C LEU A 678 -14.86 -1.55 2.68
N PRO A 679 -14.54 -2.10 1.49
CA PRO A 679 -14.39 -3.56 1.34
C PRO A 679 -13.33 -4.15 2.26
N SER A 680 -13.51 -5.42 2.59
CA SER A 680 -12.61 -6.13 3.49
C SER A 680 -11.29 -6.49 2.83
N THR A 681 -10.20 -6.37 3.58
CA THR A 681 -8.88 -6.76 3.09
C THR A 681 -8.71 -8.28 3.08
N SER A 682 -9.70 -8.98 3.62
CA SER A 682 -9.63 -10.44 3.71
C SER A 682 -10.24 -11.14 2.50
N VAL A 683 -10.89 -10.37 1.63
CA VAL A 683 -11.52 -10.95 0.44
C VAL A 683 -10.50 -11.26 -0.65
N ARG A 684 -10.63 -12.47 -1.21
CA ARG A 684 -9.81 -12.91 -2.34
C ARG A 684 -8.33 -12.99 -1.99
#